data_6UH9
#
_entry.id   6UH9
#
_cell.length_a   36.690
_cell.length_b   56.530
_cell.length_c   68.040
_cell.angle_alpha   94.470
_cell.angle_beta   94.670
_cell.angle_gamma   108.830
#
_symmetry.space_group_name_H-M   'P 1'
#
loop_
_entity.id
_entity.type
_entity.pdbx_description
1 polymer 'Decreased Apical Dominance 2'
2 non-polymer 'TETRAETHYLENE GLYCOL'
3 water water
#
_entity_poly.entity_id   1
_entity_poly.type   'polypeptide(L)'
_entity_poly.pdbx_seq_one_letter_code
;GGMGQTLLDALNVRVVGSGERVLVLAHGFGTDQSAWNRILPFFLRDYRVVLYDLVCAGSVNPDFFDFRRYTTLDPYVDDL
LHILDALGIDQCAYVGHSVSAMIGILASIRRPELFSKLILIGASPRFLNDEDYHGGFEQGEIEKVFSAMEANYEAWVNGF
APLAVGAAVPAAVREFSRTLFNMRPDITLFVSRTVFNSDMRGVLGLVKVPCHIFQTARDHSVPASVATYLKNHLGGKNTV
HWLNIEGHLPHLSAPTLLAQELRRALSHR
;
_entity_poly.pdbx_strand_id   A,B
#
loop_
_chem_comp.id
_chem_comp.type
_chem_comp.name
_chem_comp.formula
PG4 non-polymer 'TETRAETHYLENE GLYCOL' 'C8 H18 O5'
#
# COMPACT_ATOMS: atom_id res chain seq x y z
N GLN A 5 1.62 -11.11 15.83
CA GLN A 5 2.53 -9.93 15.76
C GLN A 5 2.72 -9.47 14.32
N THR A 6 2.82 -10.38 13.36
CA THR A 6 2.88 -10.01 11.93
C THR A 6 1.51 -9.44 11.54
N LEU A 7 0.42 -9.96 12.10
CA LEU A 7 -0.94 -9.37 11.84
C LEU A 7 -0.97 -7.95 12.39
N LEU A 8 -0.49 -7.75 13.62
CA LEU A 8 -0.45 -6.42 14.25
C LEU A 8 0.32 -5.49 13.32
N ASP A 9 1.46 -5.93 12.78
CA ASP A 9 2.23 -5.04 11.88
C ASP A 9 1.50 -4.84 10.55
N ALA A 10 0.93 -5.89 9.98
CA ALA A 10 0.31 -5.85 8.63
C ALA A 10 -0.84 -4.84 8.63
N LEU A 11 -1.61 -4.83 9.71
CA LEU A 11 -2.81 -3.96 9.76
C LEU A 11 -2.54 -2.69 10.58
N ASN A 12 -1.28 -2.33 10.80
CA ASN A 12 -0.95 -0.99 11.34
C ASN A 12 -1.65 -0.78 12.69
N VAL A 13 -1.64 -1.81 13.53
CA VAL A 13 -2.27 -1.68 14.88
C VAL A 13 -1.48 -0.63 15.65
N ARG A 14 -2.20 0.31 16.27
CA ARG A 14 -1.64 1.41 17.07
C ARG A 14 -2.38 1.45 18.40
N VAL A 15 -1.65 1.54 19.51
CA VAL A 15 -2.25 1.69 20.86
C VAL A 15 -1.70 2.99 21.44
N VAL A 16 -2.59 3.91 21.78
CA VAL A 16 -2.22 5.26 22.28
C VAL A 16 -3.12 5.63 23.46
N GLY A 17 -2.75 6.66 24.21
CA GLY A 17 -3.63 7.21 25.27
C GLY A 17 -3.12 6.86 26.65
N SER A 18 -3.57 7.61 27.65
CA SER A 18 -3.07 7.56 29.04
C SER A 18 -4.00 6.75 29.95
N GLY A 19 -5.18 6.42 29.45
CA GLY A 19 -6.21 5.71 30.23
C GLY A 19 -5.97 4.20 30.24
N GLU A 20 -6.87 3.43 30.81
CA GLU A 20 -6.69 1.96 30.72
C GLU A 20 -7.97 1.27 30.24
N ARG A 21 -9.13 1.91 30.33
CA ARG A 21 -10.35 1.40 29.65
C ARG A 21 -10.08 1.42 28.15
N VAL A 22 -10.35 0.31 27.48
CA VAL A 22 -10.00 0.17 26.06
C VAL A 22 -11.15 0.69 25.20
N LEU A 23 -10.77 1.51 24.23
CA LEU A 23 -11.65 2.07 23.20
C LEU A 23 -11.06 1.68 21.85
N VAL A 24 -11.79 0.86 21.08
CA VAL A 24 -11.37 0.46 19.73
C VAL A 24 -12.09 1.37 18.74
N LEU A 25 -11.34 2.00 17.85
CA LEU A 25 -11.88 2.84 16.76
C LEU A 25 -11.57 2.11 15.45
N ALA A 26 -12.62 1.65 14.79
CA ALA A 26 -12.56 0.83 13.58
C ALA A 26 -13.20 1.57 12.43
N HIS A 27 -12.37 1.94 11.44
CA HIS A 27 -12.80 2.76 10.30
C HIS A 27 -13.61 1.90 9.34
N GLY A 28 -14.29 2.55 8.41
CA GLY A 28 -15.09 1.85 7.40
C GLY A 28 -14.56 2.03 6.00
N PHE A 29 -15.47 1.81 5.08
CA PHE A 29 -15.23 1.73 3.63
C PHE A 29 -14.55 3.01 3.15
N GLY A 30 -13.40 2.86 2.45
CA GLY A 30 -12.80 3.94 1.68
C GLY A 30 -11.84 4.82 2.46
N THR A 31 -11.65 4.53 3.75
CA THR A 31 -10.70 5.27 4.61
C THR A 31 -9.67 4.30 5.20
N ASP A 32 -8.84 4.80 6.07
CA ASP A 32 -7.97 4.02 6.97
C ASP A 32 -8.10 4.58 8.37
N GLN A 33 -7.25 4.18 9.32
CA GLN A 33 -7.44 4.65 10.72
C GLN A 33 -7.23 6.16 10.85
N SER A 34 -6.61 6.81 9.87
CA SER A 34 -6.36 8.28 9.91
C SER A 34 -7.68 9.06 9.90
N ALA A 35 -8.78 8.41 9.51
CA ALA A 35 -10.11 9.05 9.58
C ALA A 35 -10.43 9.44 11.03
N TRP A 36 -9.83 8.78 12.01
CA TRP A 36 -10.08 9.08 13.44
C TRP A 36 -9.13 10.16 13.97
N ASN A 37 -8.24 10.72 13.15
CA ASN A 37 -7.15 11.60 13.65
C ASN A 37 -7.74 12.79 14.45
N ARG A 38 -8.84 13.38 14.00
CA ARG A 38 -9.39 14.59 14.68
C ARG A 38 -10.26 14.24 15.91
N ILE A 39 -10.72 13.00 16.02
CA ILE A 39 -11.48 12.44 17.20
C ILE A 39 -10.49 12.18 18.33
N LEU A 40 -9.34 11.66 17.96
CA LEU A 40 -8.45 10.94 18.88
C LEU A 40 -8.05 11.83 20.05
N PRO A 41 -7.71 13.12 19.83
CA PRO A 41 -7.25 13.95 20.94
C PRO A 41 -8.24 14.00 22.11
N PHE A 42 -9.54 13.84 21.84
CA PHE A 42 -10.62 13.91 22.86
C PHE A 42 -10.63 12.67 23.75
N PHE A 43 -9.87 11.62 23.45
CA PHE A 43 -9.94 10.35 24.22
C PHE A 43 -8.59 9.97 24.82
N LEU A 44 -7.49 10.66 24.51
CA LEU A 44 -6.16 10.20 24.99
C LEU A 44 -6.05 10.34 26.51
N ARG A 45 -6.71 11.32 27.13
CA ARG A 45 -6.55 11.63 28.57
C ARG A 45 -7.10 10.46 29.40
N ASP A 46 -8.16 9.79 28.96
CA ASP A 46 -8.81 8.85 29.89
C ASP A 46 -9.16 7.52 29.24
N TYR A 47 -8.65 7.22 28.03
CA TYR A 47 -8.83 5.89 27.39
C TYR A 47 -7.49 5.32 26.92
N ARG A 48 -7.46 4.00 26.76
CA ARG A 48 -6.40 3.31 25.99
C ARG A 48 -7.03 3.03 24.63
N VAL A 49 -6.62 3.79 23.61
CA VAL A 49 -7.27 3.78 22.28
C VAL A 49 -6.51 2.82 21.36
N VAL A 50 -7.25 1.88 20.79
CA VAL A 50 -6.70 0.86 19.86
C VAL A 50 -7.25 1.21 18.48
N LEU A 51 -6.36 1.37 17.51
CA LEU A 51 -6.74 1.66 16.11
C LEU A 51 -6.09 0.60 15.24
N TYR A 52 -6.73 0.26 14.13
CA TYR A 52 -6.13 -0.65 13.14
C TYR A 52 -6.72 -0.29 11.77
N ASP A 53 -6.05 -0.78 10.73
CA ASP A 53 -6.55 -0.66 9.34
C ASP A 53 -7.22 -1.97 8.91
N LEU A 54 -8.42 -1.88 8.33
CA LEU A 54 -8.97 -3.06 7.59
C LEU A 54 -7.96 -3.48 6.51
N VAL A 55 -7.99 -4.75 6.15
CA VAL A 55 -7.03 -5.29 5.16
C VAL A 55 -7.18 -4.55 3.82
N CYS A 56 -8.35 -3.98 3.53
CA CYS A 56 -8.63 -3.34 2.22
C CYS A 56 -8.19 -1.87 2.22
N ALA A 57 -7.73 -1.35 3.35
CA ALA A 57 -7.30 0.08 3.41
C ALA A 57 -6.14 0.30 2.45
N GLY A 58 -6.07 1.52 1.88
CA GLY A 58 -4.95 1.89 0.99
C GLY A 58 -3.61 1.90 1.69
N SER A 59 -3.60 1.99 3.01
CA SER A 59 -2.39 2.08 3.88
C SER A 59 -1.85 0.69 4.23
N VAL A 60 -2.54 -0.35 3.77
CA VAL A 60 -2.13 -1.76 3.99
C VAL A 60 -1.51 -2.27 2.70
N ASN A 61 -0.49 -3.12 2.80
CA ASN A 61 0.12 -3.73 1.62
C ASN A 61 -0.95 -4.48 0.84
N PRO A 62 -1.26 -4.15 -0.44
CA PRO A 62 -2.32 -4.82 -1.16
C PRO A 62 -2.08 -6.32 -1.37
N ASP A 63 -0.83 -6.76 -1.22
CA ASP A 63 -0.47 -8.20 -1.24
C ASP A 63 -1.30 -8.95 -0.21
N PHE A 64 -1.71 -8.30 0.89
CA PHE A 64 -2.42 -8.98 2.01
C PHE A 64 -3.88 -9.20 1.66
N PHE A 65 -4.42 -8.56 0.63
CA PHE A 65 -5.87 -8.69 0.28
C PHE A 65 -6.05 -9.95 -0.56
N ASP A 66 -6.34 -11.07 0.10
CA ASP A 66 -6.50 -12.40 -0.53
C ASP A 66 -7.95 -12.56 -0.97
N PHE A 67 -8.23 -12.41 -2.27
CA PHE A 67 -9.59 -12.52 -2.85
C PHE A 67 -10.20 -13.90 -2.57
N ARG A 68 -9.37 -14.93 -2.35
CA ARG A 68 -9.84 -16.31 -2.07
C ARG A 68 -10.39 -16.37 -0.66
N ARG A 69 -9.95 -15.46 0.23
CA ARG A 69 -10.29 -15.52 1.66
C ARG A 69 -11.37 -14.47 1.97
N TYR A 70 -11.18 -13.22 1.60
CA TYR A 70 -12.04 -12.12 2.11
C TYR A 70 -13.33 -12.02 1.29
N THR A 71 -14.14 -13.08 1.28
CA THR A 71 -15.33 -13.18 0.39
C THR A 71 -16.61 -12.71 1.08
N THR A 72 -16.60 -12.62 2.41
CA THR A 72 -17.73 -12.17 3.25
C THR A 72 -17.16 -11.34 4.40
N LEU A 73 -18.00 -10.93 5.35
CA LEU A 73 -17.47 -10.19 6.51
C LEU A 73 -16.77 -11.11 7.51
N ASP A 74 -17.05 -12.39 7.53
CA ASP A 74 -16.45 -13.27 8.58
C ASP A 74 -14.93 -13.21 8.63
N PRO A 75 -14.15 -13.25 7.52
CA PRO A 75 -12.70 -13.18 7.65
C PRO A 75 -12.22 -11.83 8.22
N TYR A 76 -12.99 -10.77 8.03
CA TYR A 76 -12.62 -9.45 8.61
C TYR A 76 -12.80 -9.55 10.14
N VAL A 77 -13.86 -10.25 10.59
CA VAL A 77 -14.06 -10.49 12.04
C VAL A 77 -12.87 -11.26 12.61
N ASP A 78 -12.40 -12.29 11.91
CA ASP A 78 -11.22 -13.08 12.32
C ASP A 78 -10.05 -12.11 12.62
N ASP A 79 -9.80 -11.16 11.72
CA ASP A 79 -8.69 -10.19 11.89
C ASP A 79 -8.91 -9.37 13.17
N LEU A 80 -10.11 -8.85 13.35
CA LEU A 80 -10.41 -8.01 14.54
C LEU A 80 -10.18 -8.83 15.82
N LEU A 81 -10.70 -10.05 15.90
CA LEU A 81 -10.56 -10.87 17.14
C LEU A 81 -9.10 -11.27 17.34
N HIS A 82 -8.38 -11.54 16.26
CA HIS A 82 -6.94 -11.90 16.35
C HIS A 82 -6.20 -10.73 16.98
N ILE A 83 -6.49 -9.52 16.52
CA ILE A 83 -5.82 -8.32 17.07
C ILE A 83 -6.13 -8.17 18.56
N LEU A 84 -7.40 -8.23 18.96
CA LEU A 84 -7.77 -8.00 20.39
C LEU A 84 -7.14 -9.07 21.27
N ASP A 85 -7.20 -10.35 20.85
CA ASP A 85 -6.50 -11.46 21.55
C ASP A 85 -4.99 -11.18 21.62
N ALA A 86 -4.35 -10.75 20.53
CA ALA A 86 -2.87 -10.56 20.49
C ALA A 86 -2.48 -9.43 21.44
N LEU A 87 -3.34 -8.45 21.65
CA LEU A 87 -3.06 -7.30 22.56
C LEU A 87 -3.48 -7.64 24.00
N GLY A 88 -4.06 -8.81 24.24
CA GLY A 88 -4.45 -9.23 25.60
C GLY A 88 -5.64 -8.42 26.09
N ILE A 89 -6.50 -7.99 25.17
CA ILE A 89 -7.71 -7.22 25.51
C ILE A 89 -8.81 -8.23 25.78
N ASP A 90 -9.30 -8.24 27.02
CA ASP A 90 -10.40 -9.15 27.43
C ASP A 90 -11.73 -8.40 27.42
N GLN A 91 -11.73 -7.05 27.46
CA GLN A 91 -12.98 -6.26 27.37
C GLN A 91 -12.70 -4.87 26.83
N CYS A 92 -13.55 -4.40 25.91
CA CYS A 92 -13.40 -3.05 25.32
C CYS A 92 -14.76 -2.47 24.96
N ALA A 93 -14.79 -1.16 24.78
CA ALA A 93 -15.82 -0.45 24.02
C ALA A 93 -15.36 -0.33 22.58
N TYR A 94 -16.24 -0.58 21.63
CA TYR A 94 -15.85 -0.66 20.20
C TYR A 94 -16.69 0.31 19.41
N VAL A 95 -16.03 1.16 18.62
CA VAL A 95 -16.69 2.11 17.69
C VAL A 95 -16.43 1.60 16.27
N GLY A 96 -17.46 1.37 15.49
CA GLY A 96 -17.27 0.92 14.11
C GLY A 96 -18.05 1.79 13.19
N HIS A 97 -17.41 2.34 12.18
CA HIS A 97 -18.07 3.09 11.09
C HIS A 97 -18.41 2.15 9.94
N SER A 98 -19.63 2.26 9.40
CA SER A 98 -19.92 1.67 8.06
C SER A 98 -19.74 0.14 8.21
N VAL A 99 -18.95 -0.46 7.36
CA VAL A 99 -18.77 -1.93 7.40
C VAL A 99 -18.22 -2.36 8.79
N SER A 100 -17.43 -1.55 9.47
CA SER A 100 -16.86 -1.95 10.78
C SER A 100 -17.97 -2.03 11.86
N ALA A 101 -19.09 -1.38 11.64
CA ALA A 101 -20.24 -1.55 12.56
C ALA A 101 -20.71 -3.01 12.46
N MET A 102 -20.81 -3.55 11.25
CA MET A 102 -21.29 -4.92 11.04
C MET A 102 -20.23 -5.90 11.52
N ILE A 103 -18.94 -5.63 11.23
CA ILE A 103 -17.86 -6.51 11.74
C ILE A 103 -17.93 -6.58 13.26
N GLY A 104 -18.22 -5.48 13.95
CA GLY A 104 -18.25 -5.50 15.42
C GLY A 104 -19.46 -6.27 15.92
N ILE A 105 -20.60 -6.12 15.25
CA ILE A 105 -21.81 -6.92 15.60
C ILE A 105 -21.43 -8.41 15.50
N LEU A 106 -20.84 -8.85 14.40
CA LEU A 106 -20.49 -10.29 14.24
C LEU A 106 -19.48 -10.70 15.30
N ALA A 107 -18.49 -9.85 15.58
CA ALA A 107 -17.45 -10.13 16.59
C ALA A 107 -18.11 -10.35 17.95
N SER A 108 -19.09 -9.51 18.29
N SER A 108 -19.09 -9.51 18.29
CA SER A 108 -19.77 -9.56 19.62
CA SER A 108 -19.79 -9.56 19.61
C SER A 108 -20.58 -10.88 19.73
C SER A 108 -20.58 -10.86 19.72
N ILE A 109 -21.19 -11.32 18.64
CA ILE A 109 -21.92 -12.63 18.63
C ILE A 109 -20.95 -13.78 18.89
N ARG A 110 -19.74 -13.71 18.32
N ARG A 110 -19.74 -13.72 18.31
CA ARG A 110 -18.71 -14.76 18.54
CA ARG A 110 -18.71 -14.76 18.54
C ARG A 110 -18.15 -14.64 19.97
C ARG A 110 -18.15 -14.64 19.97
N ARG A 111 -17.92 -13.42 20.45
CA ARG A 111 -17.22 -13.17 21.73
CA ARG A 111 -17.22 -13.17 21.73
C ARG A 111 -18.02 -12.17 22.55
N PRO A 112 -19.18 -12.58 23.12
CA PRO A 112 -20.06 -11.66 23.84
C PRO A 112 -19.39 -10.93 25.01
N GLU A 113 -18.39 -11.57 25.62
CA GLU A 113 -17.71 -11.05 26.85
C GLU A 113 -16.72 -9.96 26.47
N LEU A 114 -16.33 -9.87 25.19
CA LEU A 114 -15.21 -9.00 24.75
C LEU A 114 -15.67 -7.55 24.68
N PHE A 115 -16.95 -7.29 24.40
CA PHE A 115 -17.42 -5.90 24.16
C PHE A 115 -18.40 -5.47 25.27
N SER A 116 -18.08 -4.38 25.97
CA SER A 116 -18.98 -3.80 27.00
C SER A 116 -20.10 -3.03 26.29
N LYS A 117 -19.81 -2.51 25.10
CA LYS A 117 -20.65 -1.53 24.39
C LYS A 117 -20.23 -1.55 22.92
N LEU A 118 -21.15 -1.48 21.98
CA LEU A 118 -20.85 -1.15 20.57
C LEU A 118 -21.40 0.24 20.27
N ILE A 119 -20.62 1.04 19.58
CA ILE A 119 -21.07 2.32 19.03
C ILE A 119 -21.00 2.18 17.52
N LEU A 120 -22.13 2.26 16.85
CA LEU A 120 -22.27 2.03 15.40
C LEU A 120 -22.47 3.36 14.73
N ILE A 121 -21.67 3.72 13.75
CA ILE A 121 -21.78 5.02 13.05
C ILE A 121 -22.05 4.75 11.58
N GLY A 122 -23.12 5.28 11.01
CA GLY A 122 -23.42 5.08 9.59
C GLY A 122 -23.64 3.60 9.29
N ALA A 123 -24.25 2.88 10.23
CA ALA A 123 -24.44 1.43 10.13
C ALA A 123 -25.72 1.08 9.37
N SER A 124 -25.64 0.07 8.50
CA SER A 124 -26.79 -0.58 7.86
C SER A 124 -26.56 -2.08 7.77
N PRO A 125 -27.59 -2.89 8.05
CA PRO A 125 -27.46 -4.33 7.92
C PRO A 125 -27.74 -4.79 6.50
N ARG A 126 -28.24 -3.88 5.64
CA ARG A 126 -28.73 -4.25 4.30
C ARG A 126 -28.98 -3.00 3.50
N PHE A 127 -28.33 -2.88 2.34
CA PHE A 127 -28.45 -1.71 1.43
C PHE A 127 -29.57 -1.89 0.41
N LEU A 128 -29.83 -3.12 -0.02
CA LEU A 128 -30.85 -3.37 -1.08
C LEU A 128 -32.26 -3.35 -0.50
N ASN A 129 -33.16 -2.73 -1.25
CA ASN A 129 -34.62 -2.67 -0.99
C ASN A 129 -35.22 -4.06 -1.21
N ASP A 130 -36.22 -4.43 -0.40
CA ASP A 130 -37.18 -5.50 -0.74
C ASP A 130 -38.59 -5.02 -0.37
N GLU A 131 -39.61 -5.87 -0.52
CA GLU A 131 -41.04 -5.49 -0.38
C GLU A 131 -41.31 -4.90 1.02
N ASP A 132 -40.59 -5.36 2.06
CA ASP A 132 -40.83 -5.02 3.49
C ASP A 132 -39.69 -4.16 4.06
N TYR A 133 -38.61 -3.95 3.31
CA TYR A 133 -37.41 -3.31 3.88
C TYR A 133 -36.83 -2.31 2.87
N HIS A 134 -36.60 -1.09 3.33
CA HIS A 134 -35.98 0.00 2.56
C HIS A 134 -34.53 0.17 3.00
N GLY A 135 -33.59 -0.30 2.18
CA GLY A 135 -32.15 -0.14 2.41
C GLY A 135 -31.59 1.12 1.75
N GLY A 136 -32.28 1.65 0.73
CA GLY A 136 -31.89 2.85 0.01
C GLY A 136 -31.41 2.59 -1.42
N PHE A 137 -31.28 1.34 -1.84
CA PHE A 137 -30.72 1.00 -3.17
C PHE A 137 -31.56 -0.09 -3.83
N GLU A 138 -31.73 0.05 -5.15
CA GLU A 138 -32.40 -0.97 -6.00
C GLU A 138 -31.34 -1.87 -6.63
N GLN A 139 -31.56 -3.18 -6.49
CA GLN A 139 -30.73 -4.26 -7.09
C GLN A 139 -30.41 -3.91 -8.55
N GLY A 140 -31.44 -3.51 -9.32
CA GLY A 140 -31.34 -3.26 -10.77
C GLY A 140 -30.32 -2.18 -11.09
N GLU A 141 -30.11 -1.23 -10.19
CA GLU A 141 -29.36 0.02 -10.49
C GLU A 141 -27.86 -0.21 -10.23
N ILE A 142 -27.45 -1.24 -9.47
CA ILE A 142 -26.08 -1.24 -8.89
C ILE A 142 -25.05 -1.72 -9.93
N GLU A 143 -25.43 -2.57 -10.89
CA GLU A 143 -24.44 -3.15 -11.82
C GLU A 143 -23.89 -2.07 -12.75
N LYS A 144 -24.70 -1.10 -13.16
CA LYS A 144 -24.27 0.00 -14.08
C LYS A 144 -23.22 0.85 -13.35
N VAL A 145 -23.32 0.97 -12.03
CA VAL A 145 -22.33 1.72 -11.20
C VAL A 145 -21.04 0.92 -11.05
N PHE A 146 -21.11 -0.37 -10.70
CA PHE A 146 -19.91 -1.25 -10.62
C PHE A 146 -19.15 -1.19 -11.96
N SER A 147 -19.86 -1.22 -13.09
CA SER A 147 -19.26 -1.12 -14.45
C SER A 147 -18.53 0.22 -14.62
N ALA A 148 -19.20 1.31 -14.22
CA ALA A 148 -18.66 2.69 -14.23
C ALA A 148 -17.37 2.75 -13.40
N MET A 149 -17.38 2.16 -12.21
CA MET A 149 -16.20 2.15 -11.30
C MET A 149 -15.04 1.41 -11.96
N GLU A 150 -15.31 0.28 -12.62
CA GLU A 150 -14.29 -0.56 -13.29
C GLU A 150 -13.75 0.22 -14.49
N ALA A 151 -14.62 0.93 -15.20
CA ALA A 151 -14.26 1.61 -16.47
C ALA A 151 -13.38 2.82 -16.16
N ASN A 152 -13.77 3.62 -15.16
CA ASN A 152 -13.19 4.94 -14.83
C ASN A 152 -13.22 5.14 -13.30
N TYR A 153 -12.20 4.66 -12.61
CA TYR A 153 -12.11 4.68 -11.12
C TYR A 153 -12.12 6.15 -10.66
N GLU A 154 -11.36 7.01 -11.33
CA GLU A 154 -11.20 8.43 -10.92
C GLU A 154 -12.56 9.14 -10.99
N ALA A 155 -13.30 8.98 -12.10
CA ALA A 155 -14.65 9.55 -12.27
C ALA A 155 -15.58 9.06 -11.17
N TRP A 156 -15.49 7.77 -10.83
CA TRP A 156 -16.33 7.17 -9.77
C TRP A 156 -16.00 7.84 -8.42
N VAL A 157 -14.73 7.87 -8.05
CA VAL A 157 -14.30 8.52 -6.77
C VAL A 157 -14.80 9.96 -6.75
N ASN A 158 -14.69 10.69 -7.87
CA ASN A 158 -15.00 12.15 -7.92
C ASN A 158 -16.50 12.36 -7.77
N GLY A 159 -17.34 11.42 -8.24
CA GLY A 159 -18.80 11.52 -8.08
C GLY A 159 -19.26 11.03 -6.72
N PHE A 160 -18.56 10.03 -6.17
CA PHE A 160 -18.95 9.31 -4.94
C PHE A 160 -18.59 10.13 -3.70
N ALA A 161 -17.36 10.65 -3.62
CA ALA A 161 -16.85 11.29 -2.40
C ALA A 161 -17.76 12.43 -1.93
N PRO A 162 -18.20 13.39 -2.79
CA PRO A 162 -19.06 14.49 -2.33
C PRO A 162 -20.42 14.00 -1.81
N LEU A 163 -20.97 12.96 -2.43
CA LEU A 163 -22.25 12.35 -1.98
C LEU A 163 -22.04 11.67 -0.63
N ALA A 164 -20.95 10.94 -0.43
CA ALA A 164 -20.61 10.28 0.87
C ALA A 164 -20.43 11.32 1.98
N VAL A 165 -19.69 12.39 1.74
CA VAL A 165 -19.39 13.42 2.78
C VAL A 165 -20.67 14.23 3.01
N GLY A 166 -21.42 14.53 1.94
CA GLY A 166 -22.81 15.00 2.00
C GLY A 166 -22.93 16.48 2.31
N ALA A 167 -22.59 16.90 3.52
CA ALA A 167 -22.45 18.33 3.91
C ALA A 167 -21.40 18.99 3.01
N ALA A 168 -21.55 20.30 2.80
CA ALA A 168 -20.60 21.20 2.09
C ALA A 168 -19.35 21.42 2.96
N VAL A 169 -18.55 20.36 3.07
CA VAL A 169 -17.26 20.33 3.80
C VAL A 169 -16.22 19.87 2.78
N PRO A 170 -15.77 20.80 1.89
CA PRO A 170 -14.85 20.48 0.81
C PRO A 170 -13.55 19.79 1.28
N ALA A 171 -13.04 20.10 2.47
CA ALA A 171 -11.79 19.48 2.94
C ALA A 171 -12.01 17.98 3.19
N ALA A 172 -13.19 17.62 3.68
CA ALA A 172 -13.54 16.21 3.99
C ALA A 172 -13.74 15.47 2.66
N VAL A 173 -14.32 16.10 1.65
CA VAL A 173 -14.48 15.50 0.30
C VAL A 173 -13.08 15.17 -0.23
N ARG A 174 -12.14 16.13 -0.10
CA ARG A 174 -10.78 15.93 -0.65
C ARG A 174 -10.09 14.80 0.14
N GLU A 175 -10.27 14.76 1.45
CA GLU A 175 -9.62 13.76 2.32
C GLU A 175 -10.18 12.35 2.04
N PHE A 176 -11.49 12.22 1.93
CA PHE A 176 -12.08 10.89 1.61
C PHE A 176 -11.63 10.43 0.22
N SER A 177 -11.61 11.33 -0.76
CA SER A 177 -11.10 11.03 -2.12
C SER A 177 -9.66 10.53 -2.00
N ARG A 178 -8.85 11.13 -1.16
CA ARG A 178 -7.41 10.78 -1.05
C ARG A 178 -7.28 9.30 -0.65
N THR A 179 -8.01 8.87 0.36
CA THR A 179 -7.89 7.50 0.87
C THR A 179 -8.57 6.56 -0.11
N LEU A 180 -9.64 6.96 -0.79
CA LEU A 180 -10.16 6.08 -1.90
C LEU A 180 -9.11 5.89 -3.00
N PHE A 181 -8.36 6.94 -3.33
CA PHE A 181 -7.38 6.86 -4.43
C PHE A 181 -6.21 5.98 -3.97
N ASN A 182 -6.01 5.77 -2.66
CA ASN A 182 -4.89 4.90 -2.18
C ASN A 182 -5.28 3.43 -2.38
N MET A 183 -6.58 3.13 -2.50
CA MET A 183 -7.03 1.72 -2.59
C MET A 183 -6.84 1.19 -4.00
N ARG A 184 -6.41 -0.07 -4.16
CA ARG A 184 -6.31 -0.64 -5.51
C ARG A 184 -7.70 -0.82 -6.08
N PRO A 185 -7.99 -0.35 -7.32
CA PRO A 185 -9.38 -0.28 -7.80
C PRO A 185 -10.10 -1.62 -7.80
N ASP A 186 -9.40 -2.71 -8.07
CA ASP A 186 -10.04 -4.04 -8.06
C ASP A 186 -10.42 -4.44 -6.64
N ILE A 187 -9.61 -4.09 -5.63
CA ILE A 187 -9.98 -4.30 -4.19
C ILE A 187 -11.19 -3.45 -3.86
N THR A 188 -11.23 -2.17 -4.26
CA THR A 188 -12.38 -1.30 -3.96
C THR A 188 -13.65 -1.92 -4.54
N LEU A 189 -13.59 -2.39 -5.80
CA LEU A 189 -14.81 -2.96 -6.46
C LEU A 189 -15.25 -4.22 -5.73
N PHE A 190 -14.30 -5.08 -5.37
CA PHE A 190 -14.58 -6.38 -4.73
C PHE A 190 -15.22 -6.12 -3.37
N VAL A 191 -14.68 -5.17 -2.60
CA VAL A 191 -15.19 -4.87 -1.25
C VAL A 191 -16.58 -4.27 -1.41
N SER A 192 -16.78 -3.38 -2.40
CA SER A 192 -18.10 -2.75 -2.66
C SER A 192 -19.15 -3.86 -2.92
N ARG A 193 -18.84 -4.82 -3.76
CA ARG A 193 -19.75 -5.96 -4.02
C ARG A 193 -20.03 -6.72 -2.71
N THR A 194 -19.01 -6.97 -1.91
CA THR A 194 -19.12 -7.69 -0.63
C THR A 194 -20.12 -6.95 0.25
N VAL A 195 -19.99 -5.63 0.36
CA VAL A 195 -20.91 -4.88 1.27
C VAL A 195 -22.33 -4.84 0.69
N PHE A 196 -22.52 -4.73 -0.64
CA PHE A 196 -23.89 -4.71 -1.25
C PHE A 196 -24.51 -6.10 -1.15
N ASN A 197 -23.71 -7.15 -1.09
CA ASN A 197 -24.23 -8.53 -0.99
C ASN A 197 -24.54 -8.89 0.46
N SER A 198 -24.00 -8.16 1.42
CA SER A 198 -24.17 -8.46 2.87
C SER A 198 -25.65 -8.38 3.23
N ASP A 199 -26.06 -9.22 4.15
CA ASP A 199 -27.40 -9.11 4.77
C ASP A 199 -27.26 -9.57 6.21
N MET A 200 -27.13 -8.63 7.11
CA MET A 200 -26.89 -8.88 8.55
C MET A 200 -28.23 -8.91 9.28
N ARG A 201 -29.39 -8.81 8.61
CA ARG A 201 -30.68 -8.68 9.33
C ARG A 201 -30.93 -9.94 10.17
N GLY A 202 -30.51 -11.11 9.64
CA GLY A 202 -30.76 -12.42 10.25
C GLY A 202 -30.16 -12.55 11.65
N VAL A 203 -29.03 -11.85 11.89
CA VAL A 203 -28.21 -12.07 13.11
C VAL A 203 -28.39 -10.94 14.12
N LEU A 204 -29.11 -9.87 13.80
CA LEU A 204 -29.13 -8.72 14.76
C LEU A 204 -29.67 -9.14 16.12
N GLY A 205 -30.68 -10.02 16.12
CA GLY A 205 -31.30 -10.52 17.35
C GLY A 205 -30.35 -11.25 18.27
N LEU A 206 -29.23 -11.75 17.76
CA LEU A 206 -28.25 -12.58 18.51
C LEU A 206 -27.32 -11.69 19.34
N VAL A 207 -27.24 -10.39 19.02
CA VAL A 207 -26.42 -9.42 19.80
C VAL A 207 -27.03 -9.28 21.18
N LYS A 208 -26.20 -9.31 22.23
N LYS A 208 -26.19 -9.31 22.22
CA LYS A 208 -26.67 -9.11 23.62
CA LYS A 208 -26.62 -9.14 23.63
C LYS A 208 -26.03 -7.88 24.28
C LYS A 208 -26.03 -7.88 24.26
N VAL A 209 -24.96 -7.33 23.70
CA VAL A 209 -24.29 -6.14 24.30
C VAL A 209 -25.09 -4.90 23.92
N PRO A 210 -25.01 -3.83 24.73
CA PRO A 210 -25.69 -2.59 24.41
C PRO A 210 -25.08 -1.95 23.16
N CYS A 211 -25.94 -1.42 22.27
CA CYS A 211 -25.58 -0.74 21.01
C CYS A 211 -26.06 0.70 21.02
N HIS A 212 -25.17 1.64 20.74
CA HIS A 212 -25.50 3.03 20.45
C HIS A 212 -25.46 3.21 18.94
N ILE A 213 -26.57 3.61 18.36
CA ILE A 213 -26.72 3.73 16.90
C ILE A 213 -26.60 5.21 16.58
N PHE A 214 -25.50 5.63 16.02
CA PHE A 214 -25.26 7.05 15.65
C PHE A 214 -25.73 7.22 14.21
N GLN A 215 -26.73 8.07 14.00
CA GLN A 215 -27.35 8.27 12.67
C GLN A 215 -27.26 9.76 12.33
N THR A 216 -26.67 10.04 11.18
CA THR A 216 -26.55 11.43 10.69
C THR A 216 -27.82 11.77 9.93
N ALA A 217 -28.00 13.05 9.61
CA ALA A 217 -29.02 13.53 8.67
C ALA A 217 -28.51 13.34 7.24
N ARG A 218 -29.41 13.01 6.32
CA ARG A 218 -29.14 12.91 4.87
C ARG A 218 -27.87 12.09 4.67
N ASP A 219 -27.84 10.89 5.24
CA ASP A 219 -26.79 9.89 4.97
C ASP A 219 -27.17 9.19 3.68
N HIS A 220 -26.39 9.39 2.62
CA HIS A 220 -26.73 8.86 1.26
C HIS A 220 -26.80 7.34 1.30
N SER A 221 -26.13 6.69 2.25
CA SER A 221 -26.05 5.21 2.27
C SER A 221 -26.96 4.61 3.36
N VAL A 222 -27.58 5.42 4.23
CA VAL A 222 -28.35 4.89 5.38
C VAL A 222 -29.60 5.74 5.58
N PRO A 223 -30.75 5.33 5.02
CA PRO A 223 -32.02 5.98 5.33
C PRO A 223 -32.26 6.00 6.84
N ALA A 224 -32.98 7.05 7.30
CA ALA A 224 -33.35 7.20 8.73
C ALA A 224 -34.02 5.92 9.21
N SER A 225 -34.85 5.32 8.37
CA SER A 225 -35.63 4.12 8.75
C SER A 225 -34.69 2.96 9.13
N VAL A 226 -33.48 2.95 8.59
CA VAL A 226 -32.53 1.85 8.90
C VAL A 226 -32.03 1.98 10.35
N ALA A 227 -31.81 3.18 10.84
CA ALA A 227 -31.37 3.36 12.24
C ALA A 227 -32.50 2.83 13.15
N THR A 228 -33.75 3.14 12.82
CA THR A 228 -34.91 2.66 13.60
C THR A 228 -34.99 1.12 13.52
N TYR A 229 -34.73 0.57 12.33
CA TYR A 229 -34.67 -0.90 12.15
C TYR A 229 -33.64 -1.51 13.11
N LEU A 230 -32.43 -0.95 13.16
CA LEU A 230 -31.40 -1.47 14.10
C LEU A 230 -31.90 -1.35 15.56
N LYS A 231 -32.52 -0.23 15.90
CA LYS A 231 -33.03 -0.03 17.30
C LYS A 231 -34.04 -1.14 17.64
N ASN A 232 -34.88 -1.51 16.69
CA ASN A 232 -35.96 -2.51 16.93
C ASN A 232 -35.43 -3.93 16.91
N HIS A 233 -34.32 -4.22 16.18
CA HIS A 233 -33.90 -5.62 15.91
C HIS A 233 -32.61 -6.05 16.61
N LEU A 234 -31.68 -5.15 16.95
CA LEU A 234 -30.49 -5.56 17.75
C LEU A 234 -30.93 -6.10 19.13
N GLY A 235 -30.38 -7.26 19.51
CA GLY A 235 -30.94 -8.07 20.61
C GLY A 235 -30.76 -7.46 21.98
N GLY A 236 -29.84 -6.53 22.15
CA GLY A 236 -29.51 -5.93 23.45
C GLY A 236 -30.20 -4.60 23.65
N LYS A 237 -29.67 -3.84 24.58
CA LYS A 237 -30.19 -2.51 24.95
C LYS A 237 -29.72 -1.51 23.91
N ASN A 238 -30.63 -0.86 23.19
CA ASN A 238 -30.27 0.04 22.07
C ASN A 238 -30.65 1.48 22.38
N THR A 239 -29.79 2.42 21.98
CA THR A 239 -30.02 3.87 22.05
C THR A 239 -29.71 4.47 20.68
N VAL A 240 -30.63 5.19 20.06
CA VAL A 240 -30.35 5.94 18.80
C VAL A 240 -29.94 7.36 19.17
N HIS A 241 -28.84 7.79 18.55
CA HIS A 241 -28.35 9.18 18.66
C HIS A 241 -28.57 9.80 17.29
N TRP A 242 -29.53 10.71 17.15
CA TRP A 242 -29.79 11.48 15.91
C TRP A 242 -28.84 12.67 15.89
N LEU A 243 -27.69 12.50 15.26
CA LEU A 243 -26.60 13.50 15.29
C LEU A 243 -27.04 14.73 14.51
N ASN A 244 -26.68 15.91 15.02
CA ASN A 244 -26.87 17.18 14.29
C ASN A 244 -25.69 17.36 13.32
N ILE A 245 -25.50 16.38 12.44
CA ILE A 245 -24.38 16.31 11.46
C ILE A 245 -24.97 15.71 10.19
N GLU A 246 -24.65 16.26 9.04
CA GLU A 246 -25.15 15.77 7.75
C GLU A 246 -24.06 14.91 7.13
N GLY A 247 -24.44 13.83 6.47
CA GLY A 247 -23.50 13.04 5.66
C GLY A 247 -23.07 11.77 6.34
N HIS A 248 -22.46 10.89 5.58
CA HIS A 248 -22.12 9.53 6.03
C HIS A 248 -20.81 9.51 6.83
N LEU A 249 -19.98 10.56 6.81
CA LEU A 249 -18.64 10.47 7.40
C LEU A 249 -18.43 11.55 8.44
N PRO A 250 -19.23 11.55 9.54
CA PRO A 250 -19.14 12.62 10.53
C PRO A 250 -17.78 12.74 11.24
N HIS A 251 -16.99 11.67 11.31
CA HIS A 251 -15.64 11.73 11.93
C HIS A 251 -14.71 12.55 11.03
N LEU A 252 -14.97 12.62 9.73
CA LEU A 252 -14.20 13.44 8.77
C LEU A 252 -14.75 14.85 8.71
N SER A 253 -16.07 15.03 8.73
CA SER A 253 -16.68 16.36 8.41
C SER A 253 -16.94 17.18 9.68
N ALA A 254 -17.17 16.55 10.82
CA ALA A 254 -17.60 17.24 12.06
C ALA A 254 -16.97 16.58 13.28
N PRO A 255 -15.63 16.48 13.35
CA PRO A 255 -15.03 15.66 14.41
C PRO A 255 -15.30 16.16 15.84
N THR A 256 -15.20 17.48 16.07
CA THR A 256 -15.42 17.99 17.44
C THR A 256 -16.82 17.60 17.92
N LEU A 257 -17.83 17.82 17.10
CA LEU A 257 -19.21 17.49 17.50
C LEU A 257 -19.34 15.97 17.64
N LEU A 258 -18.79 15.19 16.73
CA LEU A 258 -18.91 13.71 16.86
C LEU A 258 -18.21 13.26 18.16
N ALA A 259 -17.03 13.81 18.48
CA ALA A 259 -16.27 13.38 19.68
C ALA A 259 -17.13 13.59 20.92
N GLN A 260 -17.87 14.71 21.01
CA GLN A 260 -18.69 14.99 22.21
C GLN A 260 -19.77 13.92 22.33
N GLU A 261 -20.41 13.56 21.21
CA GLU A 261 -21.52 12.55 21.24
C GLU A 261 -20.93 11.18 21.62
N LEU A 262 -19.76 10.83 21.08
CA LEU A 262 -19.10 9.58 21.47
C LEU A 262 -18.85 9.56 22.97
N ARG A 263 -18.35 10.66 23.53
CA ARG A 263 -18.01 10.70 24.97
C ARG A 263 -19.27 10.45 25.79
N ARG A 264 -20.38 11.06 25.37
CA ARG A 264 -21.69 10.93 26.02
C ARG A 264 -22.09 9.47 26.00
N ALA A 265 -22.01 8.85 24.83
CA ALA A 265 -22.45 7.47 24.66
C ALA A 265 -21.57 6.56 25.53
N LEU A 266 -20.25 6.77 25.56
CA LEU A 266 -19.33 5.87 26.29
C LEU A 266 -19.56 5.99 27.81
N SER A 267 -20.06 7.14 28.30
CA SER A 267 -20.37 7.42 29.72
C SER A 267 -21.68 6.75 30.16
N HIS A 268 -22.58 6.42 29.22
CA HIS A 268 -23.94 5.89 29.50
C HIS A 268 -23.86 4.47 30.07
N GLN B 5 14.70 3.53 12.40
CA GLN B 5 13.94 2.40 13.05
C GLN B 5 12.49 2.40 12.54
N THR B 6 11.81 3.54 12.57
CA THR B 6 10.53 3.71 11.84
C THR B 6 10.88 3.64 10.34
N LEU B 7 12.02 4.16 9.89
CA LEU B 7 12.44 4.03 8.46
C LEU B 7 12.61 2.54 8.12
N LEU B 8 13.30 1.79 8.97
CA LEU B 8 13.52 0.34 8.76
C LEU B 8 12.15 -0.31 8.62
N ASP B 9 11.19 0.04 9.47
CA ASP B 9 9.85 -0.59 9.36
C ASP B 9 9.14 -0.10 8.09
N ALA B 10 9.19 1.20 7.80
CA ALA B 10 8.42 1.80 6.69
C ALA B 10 8.85 1.18 5.35
N LEU B 11 10.13 0.90 5.22
CA LEU B 11 10.64 0.36 3.93
C LEU B 11 10.88 -1.16 4.00
N ASN B 12 10.29 -1.84 4.97
CA ASN B 12 10.26 -3.32 4.96
C ASN B 12 11.69 -3.85 4.91
N VAL B 13 12.60 -3.27 5.68
CA VAL B 13 14.00 -3.76 5.75
C VAL B 13 13.99 -5.19 6.30
N ARG B 14 14.69 -6.08 5.61
CA ARG B 14 14.82 -7.50 5.97
C ARG B 14 16.30 -7.88 5.93
N VAL B 15 16.77 -8.58 6.94
CA VAL B 15 18.14 -9.15 6.97
C VAL B 15 18.01 -10.66 7.10
N VAL B 16 18.57 -11.38 6.13
CA VAL B 16 18.49 -12.87 6.07
C VAL B 16 19.89 -13.42 5.76
N GLY B 17 20.10 -14.71 5.95
CA GLY B 17 21.36 -15.37 5.60
C GLY B 17 22.23 -15.63 6.82
N SER B 18 23.13 -16.60 6.71
CA SER B 18 23.97 -17.08 7.84
C SER B 18 25.43 -16.71 7.60
N GLY B 19 25.72 -15.96 6.53
CA GLY B 19 27.09 -15.49 6.24
C GLY B 19 27.43 -14.24 7.02
N GLU B 20 28.65 -13.73 6.82
CA GLU B 20 29.16 -12.51 7.50
C GLU B 20 29.41 -11.39 6.48
N ARG B 21 29.80 -11.74 5.26
CA ARG B 21 29.94 -10.76 4.16
C ARG B 21 28.55 -10.17 3.89
N VAL B 22 28.44 -8.86 3.83
CA VAL B 22 27.13 -8.21 3.61
C VAL B 22 26.90 -8.05 2.11
N LEU B 23 25.70 -8.43 1.69
CA LEU B 23 25.22 -8.27 0.28
C LEU B 23 23.89 -7.51 0.32
N VAL B 24 23.84 -6.34 -0.29
CA VAL B 24 22.58 -5.55 -0.39
C VAL B 24 21.93 -5.81 -1.74
N LEU B 25 20.65 -6.18 -1.74
CA LEU B 25 19.86 -6.40 -2.97
C LEU B 25 18.78 -5.31 -3.03
N ALA B 26 18.89 -4.42 -3.99
CA ALA B 26 18.06 -3.22 -4.11
C ALA B 26 17.29 -3.28 -5.42
N HIS B 27 15.96 -3.44 -5.32
CA HIS B 27 15.08 -3.61 -6.48
C HIS B 27 14.93 -2.27 -7.20
N GLY B 28 14.38 -2.30 -8.40
CA GLY B 28 14.14 -1.09 -9.17
C GLY B 28 12.67 -0.85 -9.44
N PHE B 29 12.45 -0.10 -10.50
CA PHE B 29 11.15 0.48 -10.88
C PHE B 29 10.13 -0.66 -11.11
N GLY B 30 8.98 -0.56 -10.44
CA GLY B 30 7.80 -1.36 -10.74
C GLY B 30 7.75 -2.66 -9.97
N THR B 31 8.75 -2.94 -9.13
CA THR B 31 8.82 -4.17 -8.30
C THR B 31 8.94 -3.75 -6.84
N ASP B 32 9.10 -4.73 -5.98
CA ASP B 32 9.50 -4.57 -4.56
C ASP B 32 10.61 -5.57 -4.31
N GLN B 33 11.03 -5.76 -3.06
CA GLN B 33 12.18 -6.65 -2.76
C GLN B 33 11.85 -8.10 -3.11
N SER B 34 10.58 -8.47 -3.27
CA SER B 34 10.18 -9.85 -3.60
C SER B 34 10.72 -10.28 -4.97
N ALA B 35 11.11 -9.32 -5.79
CA ALA B 35 11.74 -9.62 -7.10
C ALA B 35 13.01 -10.44 -6.88
N TRP B 36 13.62 -10.34 -5.70
CA TRP B 36 14.87 -11.11 -5.39
C TRP B 36 14.58 -12.50 -4.82
N ASN B 37 13.31 -12.87 -4.65
CA ASN B 37 12.96 -14.11 -3.91
C ASN B 37 13.66 -15.35 -4.51
N ARG B 38 13.73 -15.48 -5.81
CA ARG B 38 14.27 -16.70 -6.49
C ARG B 38 15.80 -16.71 -6.52
N ILE B 39 16.48 -15.57 -6.33
CA ILE B 39 17.96 -15.68 -6.30
C ILE B 39 18.43 -15.82 -4.86
N LEU B 40 17.62 -15.49 -3.86
CA LEU B 40 18.07 -15.49 -2.44
C LEU B 40 18.65 -16.86 -2.04
N PRO B 41 18.05 -18.00 -2.40
CA PRO B 41 18.56 -19.27 -1.90
C PRO B 41 20.05 -19.47 -2.20
N PHE B 42 20.54 -18.88 -3.29
CA PHE B 42 21.94 -19.00 -3.77
C PHE B 42 22.90 -18.20 -2.89
N PHE B 43 22.41 -17.34 -1.99
CA PHE B 43 23.28 -16.41 -1.22
C PHE B 43 23.14 -16.60 0.29
N LEU B 44 22.18 -17.39 0.78
CA LEU B 44 21.92 -17.41 2.25
C LEU B 44 23.11 -18.04 2.99
N ARG B 45 23.77 -19.04 2.41
CA ARG B 45 24.82 -19.77 3.16
C ARG B 45 26.03 -18.85 3.40
N ASP B 46 26.38 -18.03 2.42
CA ASP B 46 27.70 -17.35 2.39
C ASP B 46 27.59 -15.85 2.70
N TYR B 47 26.38 -15.28 2.77
CA TYR B 47 26.20 -13.81 2.89
C TYR B 47 25.21 -13.47 3.99
N ARG B 48 25.35 -12.25 4.50
CA ARG B 48 24.30 -11.57 5.30
C ARG B 48 23.59 -10.66 4.30
N VAL B 49 22.37 -11.02 3.90
CA VAL B 49 21.68 -10.35 2.78
C VAL B 49 20.72 -9.30 3.35
N VAL B 50 20.84 -8.08 2.85
CA VAL B 50 20.01 -6.93 3.27
C VAL B 50 19.10 -6.58 2.13
N LEU B 51 17.78 -6.57 2.37
CA LEU B 51 16.78 -6.21 1.37
C LEU B 51 15.95 -5.06 1.92
N TYR B 52 15.46 -4.24 1.03
CA TYR B 52 14.51 -3.16 1.43
C TYR B 52 13.64 -2.80 0.23
N ASP B 53 12.54 -2.10 0.49
CA ASP B 53 11.66 -1.56 -0.57
C ASP B 53 11.92 -0.09 -0.78
N LEU B 54 12.07 0.33 -2.04
CA LEU B 54 12.08 1.80 -2.33
C LEU B 54 10.74 2.37 -1.84
N VAL B 55 10.74 3.65 -1.52
CA VAL B 55 9.52 4.29 -0.93
C VAL B 55 8.35 4.22 -1.91
N CYS B 56 8.60 4.12 -3.21
CA CYS B 56 7.55 4.11 -4.26
C CYS B 56 6.99 2.70 -4.48
N ALA B 57 7.52 1.68 -3.82
CA ALA B 57 7.05 0.29 -4.02
C ALA B 57 5.59 0.17 -3.60
N GLY B 58 4.82 -0.68 -4.29
CA GLY B 58 3.39 -0.94 -3.93
C GLY B 58 3.27 -1.52 -2.53
N SER B 59 4.31 -2.14 -2.00
CA SER B 59 4.37 -2.78 -0.67
C SER B 59 4.67 -1.80 0.46
N VAL B 60 4.86 -0.51 0.12
CA VAL B 60 5.10 0.58 1.10
C VAL B 60 3.82 1.40 1.20
N ASN B 61 3.51 1.86 2.39
CA ASN B 61 2.33 2.71 2.60
C ASN B 61 2.45 3.95 1.73
N PRO B 62 1.52 4.24 0.78
CA PRO B 62 1.68 5.37 -0.12
C PRO B 62 1.71 6.71 0.61
N ASP B 63 1.27 6.72 1.86
CA ASP B 63 1.35 7.93 2.73
C ASP B 63 2.80 8.38 2.86
N PHE B 64 3.77 7.47 2.72
CA PHE B 64 5.21 7.78 2.93
C PHE B 64 5.78 8.45 1.69
N PHE B 65 5.07 8.44 0.55
CA PHE B 65 5.65 9.01 -0.70
C PHE B 65 5.39 10.53 -0.71
N ASP B 66 6.37 11.30 -0.21
CA ASP B 66 6.27 12.77 -0.08
C ASP B 66 6.73 13.41 -1.40
N PHE B 67 5.79 13.90 -2.21
CA PHE B 67 6.06 14.51 -3.53
C PHE B 67 6.95 15.76 -3.36
N ARG B 68 6.94 16.38 -2.18
CA ARG B 68 7.74 17.62 -1.91
C ARG B 68 9.20 17.20 -1.76
N ARG B 69 9.46 15.96 -1.35
CA ARG B 69 10.82 15.48 -1.02
C ARG B 69 11.40 14.68 -2.18
N TYR B 70 10.71 13.66 -2.68
CA TYR B 70 11.34 12.67 -3.58
C TYR B 70 11.37 13.20 -5.02
N THR B 71 12.06 14.32 -5.27
CA THR B 71 11.99 15.04 -6.57
C THR B 71 13.15 14.66 -7.50
N THR B 72 14.19 14.05 -6.95
CA THR B 72 15.38 13.56 -7.67
C THR B 72 15.83 12.26 -7.03
N LEU B 73 16.98 11.72 -7.45
CA LEU B 73 17.45 10.44 -6.83
C LEU B 73 18.07 10.71 -5.46
N ASP B 74 18.55 11.91 -5.17
CA ASP B 74 19.24 12.16 -3.89
C ASP B 74 18.46 11.71 -2.67
N PRO B 75 17.17 12.05 -2.48
CA PRO B 75 16.45 11.59 -1.29
C PRO B 75 16.36 10.05 -1.21
N TYR B 76 16.38 9.35 -2.32
CA TYR B 76 16.37 7.87 -2.29
C TYR B 76 17.73 7.39 -1.75
N VAL B 77 18.81 8.08 -2.10
CA VAL B 77 20.17 7.74 -1.57
C VAL B 77 20.16 7.93 -0.06
N ASP B 78 19.58 9.02 0.41
CA ASP B 78 19.41 9.30 1.87
C ASP B 78 18.82 8.05 2.56
N ASP B 79 17.72 7.52 2.01
CA ASP B 79 17.03 6.35 2.62
C ASP B 79 17.99 5.16 2.66
N LEU B 80 18.67 4.87 1.56
CA LEU B 80 19.61 3.71 1.52
C LEU B 80 20.70 3.88 2.58
N LEU B 81 21.33 5.04 2.67
CA LEU B 81 22.41 5.26 3.65
C LEU B 81 21.87 5.27 5.07
N HIS B 82 20.65 5.76 5.30
CA HIS B 82 20.00 5.71 6.63
C HIS B 82 19.92 4.24 7.05
N ILE B 83 19.47 3.39 6.14
CA ILE B 83 19.28 1.96 6.49
C ILE B 83 20.64 1.31 6.82
N LEU B 84 21.64 1.49 5.96
CA LEU B 84 22.95 0.85 6.19
C LEU B 84 23.58 1.38 7.50
N ASP B 85 23.55 2.70 7.71
CA ASP B 85 24.00 3.29 9.00
C ASP B 85 23.23 2.67 10.16
N ALA B 86 21.91 2.52 10.07
CA ALA B 86 21.09 2.05 11.23
C ALA B 86 21.50 0.62 11.59
N LEU B 87 21.87 -0.18 10.60
CA LEU B 87 22.27 -1.60 10.79
C LEU B 87 23.77 -1.72 11.14
N GLY B 88 24.50 -0.61 11.14
CA GLY B 88 25.94 -0.60 11.46
C GLY B 88 26.76 -1.26 10.35
N ILE B 89 26.30 -1.15 9.11
CA ILE B 89 27.03 -1.72 7.95
C ILE B 89 28.00 -0.66 7.45
N ASP B 90 29.29 -0.91 7.61
CA ASP B 90 30.32 0.03 7.13
C ASP B 90 30.96 -0.48 5.84
N GLN B 91 30.73 -1.73 5.44
CA GLN B 91 31.21 -2.22 4.12
C GLN B 91 30.30 -3.32 3.60
N CYS B 92 29.95 -3.26 2.32
CA CYS B 92 29.06 -4.29 1.69
C CYS B 92 29.33 -4.34 0.18
N ALA B 93 28.91 -5.43 -0.44
CA ALA B 93 28.67 -5.49 -1.89
C ALA B 93 27.21 -5.12 -2.14
N TYR B 94 26.92 -4.40 -3.20
CA TYR B 94 25.58 -3.83 -3.47
C TYR B 94 25.18 -4.21 -4.87
N VAL B 95 23.98 -4.76 -4.99
CA VAL B 95 23.34 -5.09 -6.29
C VAL B 95 22.15 -4.15 -6.47
N GLY B 96 22.12 -3.41 -7.56
CA GLY B 96 21.03 -2.46 -7.81
C GLY B 96 20.47 -2.72 -9.17
N HIS B 97 19.17 -2.95 -9.25
CA HIS B 97 18.45 -3.08 -10.54
C HIS B 97 17.89 -1.72 -10.93
N SER B 98 18.02 -1.33 -12.19
CA SER B 98 17.26 -0.20 -12.78
C SER B 98 17.65 1.06 -12.00
N VAL B 99 16.68 1.77 -11.45
CA VAL B 99 16.97 3.04 -10.76
C VAL B 99 17.90 2.77 -9.56
N SER B 100 17.86 1.60 -8.93
CA SER B 100 18.73 1.31 -7.77
C SER B 100 20.19 1.21 -8.18
N ALA B 101 20.46 0.98 -9.45
CA ALA B 101 21.85 1.03 -9.93
C ALA B 101 22.37 2.47 -9.76
N MET B 102 21.57 3.45 -10.19
CA MET B 102 21.98 4.87 -10.11
C MET B 102 22.00 5.29 -8.65
N ILE B 103 21.05 4.88 -7.84
CA ILE B 103 21.09 5.21 -6.38
C ILE B 103 22.41 4.71 -5.77
N GLY B 104 22.85 3.49 -6.13
CA GLY B 104 24.08 2.94 -5.55
C GLY B 104 25.31 3.71 -6.03
N ILE B 105 25.31 4.13 -7.30
CA ILE B 105 26.40 5.01 -7.83
C ILE B 105 26.48 6.27 -6.96
N LEU B 106 25.35 6.96 -6.77
CA LEU B 106 25.39 8.21 -5.99
C LEU B 106 25.83 7.91 -4.55
N ALA B 107 25.37 6.81 -3.96
CA ALA B 107 25.70 6.45 -2.56
C ALA B 107 27.22 6.25 -2.46
N SER B 108 27.82 5.61 -3.47
N SER B 108 27.82 5.63 -3.48
CA SER B 108 29.27 5.29 -3.47
CA SER B 108 29.26 5.29 -3.47
C SER B 108 30.08 6.59 -3.54
C SER B 108 30.05 6.60 -3.49
N ILE B 109 29.59 7.58 -4.28
CA ILE B 109 30.27 8.90 -4.35
C ILE B 109 30.19 9.58 -2.97
N ARG B 110 29.06 9.47 -2.28
CA ARG B 110 28.93 10.03 -0.91
C ARG B 110 29.79 9.26 0.10
N ARG B 111 29.84 7.93 -0.02
CA ARG B 111 30.49 7.05 0.97
CA ARG B 111 30.49 7.04 0.97
C ARG B 111 31.45 6.12 0.23
N PRO B 112 32.60 6.63 -0.22
CA PRO B 112 33.53 5.87 -1.07
C PRO B 112 34.09 4.57 -0.43
N GLU B 113 34.06 4.46 0.90
CA GLU B 113 34.55 3.30 1.68
C GLU B 113 33.45 2.22 1.84
N LEU B 114 32.19 2.56 1.60
CA LEU B 114 31.03 1.74 2.03
C LEU B 114 30.87 0.51 1.13
N PHE B 115 31.18 0.63 -0.16
CA PHE B 115 30.90 -0.44 -1.16
C PHE B 115 32.20 -1.04 -1.66
N SER B 116 32.40 -2.33 -1.49
CA SER B 116 33.57 -3.05 -2.05
C SER B 116 33.41 -3.21 -3.57
N LYS B 117 32.17 -3.29 -4.04
CA LYS B 117 31.80 -3.61 -5.42
C LYS B 117 30.37 -3.11 -5.66
N LEU B 118 30.07 -2.59 -6.84
CA LEU B 118 28.69 -2.34 -7.27
C LEU B 118 28.37 -3.32 -8.40
N ILE B 119 27.24 -4.00 -8.29
CA ILE B 119 26.71 -4.81 -9.40
C ILE B 119 25.46 -4.11 -9.89
N LEU B 120 25.47 -3.69 -11.13
CA LEU B 120 24.41 -2.87 -11.76
C LEU B 120 23.66 -3.78 -12.72
N ILE B 121 22.33 -3.86 -12.58
CA ILE B 121 21.53 -4.72 -13.48
C ILE B 121 20.52 -3.84 -14.20
N GLY B 122 20.50 -3.85 -15.53
CA GLY B 122 19.52 -3.03 -16.26
C GLY B 122 19.75 -1.54 -16.02
N ALA B 123 21.00 -1.14 -15.87
CA ALA B 123 21.36 0.24 -15.49
C ALA B 123 21.47 1.14 -16.74
N SER B 124 21.02 2.39 -16.60
CA SER B 124 21.23 3.47 -17.59
C SER B 124 21.41 4.78 -16.86
N PRO B 125 22.37 5.62 -17.29
CA PRO B 125 22.52 6.93 -16.71
C PRO B 125 21.59 7.96 -17.37
N ARG B 126 20.97 7.57 -18.48
CA ARG B 126 20.22 8.55 -19.32
C ARG B 126 19.40 7.80 -20.36
N PHE B 127 18.09 8.04 -20.37
CA PHE B 127 17.15 7.33 -21.29
C PHE B 127 16.91 8.15 -22.56
N LEU B 128 17.00 9.48 -22.47
CA LEU B 128 16.71 10.37 -23.62
C LEU B 128 17.87 10.34 -24.61
N ASN B 129 17.53 10.29 -25.90
CA ASN B 129 18.50 10.38 -27.01
C ASN B 129 19.02 11.81 -27.11
N ASP B 130 20.28 11.96 -27.49
CA ASP B 130 20.76 13.24 -28.10
C ASP B 130 21.62 12.87 -29.33
N GLU B 131 22.22 13.85 -29.99
CA GLU B 131 22.86 13.62 -31.31
C GLU B 131 24.04 12.65 -31.14
N ASP B 132 24.68 12.62 -29.97
CA ASP B 132 25.91 11.81 -29.70
C ASP B 132 25.65 10.66 -28.72
N TYR B 133 24.44 10.51 -28.22
CA TYR B 133 24.13 9.47 -27.20
C TYR B 133 22.76 8.87 -27.49
N HIS B 134 22.68 7.54 -27.58
CA HIS B 134 21.42 6.79 -27.78
C HIS B 134 21.02 6.18 -26.43
N GLY B 135 20.02 6.76 -25.79
CA GLY B 135 19.45 6.27 -24.52
C GLY B 135 18.31 5.31 -24.74
N GLY B 136 17.66 5.38 -25.90
CA GLY B 136 16.56 4.47 -26.28
C GLY B 136 15.23 5.15 -26.40
N PHE B 137 15.12 6.44 -26.08
CA PHE B 137 13.83 7.14 -26.01
C PHE B 137 13.95 8.55 -26.60
N GLU B 138 12.95 8.91 -27.41
CA GLU B 138 12.72 10.29 -27.89
C GLU B 138 11.74 10.98 -26.94
N GLN B 139 11.85 12.30 -26.78
CA GLN B 139 10.95 13.09 -25.90
C GLN B 139 9.48 12.80 -26.25
N GLY B 140 9.14 12.76 -27.54
CA GLY B 140 7.77 12.48 -28.03
C GLY B 140 7.24 11.13 -27.59
N GLU B 141 8.10 10.11 -27.54
CA GLU B 141 7.73 8.72 -27.16
C GLU B 141 7.54 8.61 -25.63
N ILE B 142 8.29 9.42 -24.87
CA ILE B 142 8.17 9.55 -23.38
C ILE B 142 6.85 10.26 -23.04
N GLU B 143 6.49 11.31 -23.77
CA GLU B 143 5.24 12.06 -23.47
C GLU B 143 4.03 11.16 -23.76
N LYS B 144 4.09 10.35 -24.81
CA LYS B 144 2.97 9.47 -25.21
C LYS B 144 2.78 8.39 -24.15
N VAL B 145 3.85 7.98 -23.48
CA VAL B 145 3.82 7.02 -22.33
C VAL B 145 3.07 7.67 -21.15
N PHE B 146 3.50 8.84 -20.72
CA PHE B 146 2.89 9.59 -19.58
C PHE B 146 1.39 9.77 -19.85
N SER B 147 1.03 10.16 -21.07
CA SER B 147 -0.39 10.41 -21.45
C SER B 147 -1.20 9.11 -21.33
N ALA B 148 -0.68 8.01 -21.87
CA ALA B 148 -1.33 6.69 -21.85
C ALA B 148 -1.52 6.27 -20.39
N MET B 149 -0.48 6.45 -19.56
CA MET B 149 -0.51 6.03 -18.13
C MET B 149 -1.60 6.80 -17.38
N GLU B 150 -1.69 8.11 -17.65
CA GLU B 150 -2.68 9.01 -17.00
C GLU B 150 -4.09 8.63 -17.46
N ALA B 151 -4.23 8.34 -18.75
CA ALA B 151 -5.54 8.08 -19.40
C ALA B 151 -6.11 6.77 -18.87
N ASN B 152 -5.29 5.72 -18.79
CA ASN B 152 -5.74 4.34 -18.46
C ASN B 152 -4.57 3.59 -17.84
N TYR B 153 -4.42 3.57 -16.51
CA TYR B 153 -3.26 2.96 -15.81
C TYR B 153 -3.20 1.46 -16.15
N GLU B 154 -4.35 0.78 -16.09
CA GLU B 154 -4.44 -0.68 -16.31
C GLU B 154 -3.97 -1.04 -17.73
N ALA B 155 -4.48 -0.32 -18.74
CA ALA B 155 -4.08 -0.49 -20.16
C ALA B 155 -2.58 -0.26 -20.30
N TRP B 156 -2.04 0.77 -19.62
CA TRP B 156 -0.60 1.11 -19.69
C TRP B 156 0.20 -0.08 -19.12
N VAL B 157 -0.14 -0.53 -17.91
CA VAL B 157 0.59 -1.67 -17.28
C VAL B 157 0.52 -2.86 -18.23
N ASN B 158 -0.64 -3.12 -18.86
CA ASN B 158 -0.82 -4.35 -19.69
C ASN B 158 0.01 -4.26 -20.97
N GLY B 159 0.26 -3.05 -21.49
CA GLY B 159 1.13 -2.86 -22.67
C GLY B 159 2.60 -2.86 -22.31
N PHE B 160 2.94 -2.31 -21.15
CA PHE B 160 4.33 -2.08 -20.69
C PHE B 160 4.96 -3.38 -20.20
N ALA B 161 4.27 -4.14 -19.35
CA ALA B 161 4.88 -5.30 -18.64
C ALA B 161 5.51 -6.27 -19.64
N PRO B 162 4.82 -6.69 -20.74
CA PRO B 162 5.41 -7.64 -21.70
C PRO B 162 6.68 -7.07 -22.37
N LEU B 163 6.69 -5.78 -22.67
CA LEU B 163 7.88 -5.11 -23.27
C LEU B 163 9.03 -5.12 -22.24
N ALA B 164 8.77 -4.79 -20.98
CA ALA B 164 9.80 -4.77 -19.92
C ALA B 164 10.38 -6.18 -19.69
N VAL B 165 9.53 -7.19 -19.58
CA VAL B 165 9.96 -8.57 -19.24
C VAL B 165 10.60 -9.19 -20.50
N GLY B 166 10.08 -8.87 -21.68
CA GLY B 166 10.80 -8.99 -22.96
C GLY B 166 10.74 -10.38 -23.54
N ALA B 167 11.47 -11.31 -22.93
CA ALA B 167 11.40 -12.75 -23.27
C ALA B 167 9.96 -13.26 -23.06
N ALA B 168 9.59 -14.30 -23.80
CA ALA B 168 8.39 -15.13 -23.62
C ALA B 168 8.53 -15.93 -22.33
N VAL B 169 8.45 -15.23 -21.20
CA VAL B 169 8.30 -15.78 -19.84
C VAL B 169 7.02 -15.19 -19.28
N PRO B 170 5.86 -15.71 -19.73
CA PRO B 170 4.54 -15.19 -19.33
C PRO B 170 4.35 -15.08 -17.80
N ALA B 171 4.92 -15.97 -17.00
CA ALA B 171 4.74 -15.89 -15.53
C ALA B 171 5.44 -14.62 -15.01
N ALA B 172 6.58 -14.24 -15.57
CA ALA B 172 7.29 -13.03 -15.12
C ALA B 172 6.54 -11.78 -15.61
N VAL B 173 5.92 -11.80 -16.78
CA VAL B 173 5.05 -10.70 -17.28
C VAL B 173 3.93 -10.51 -16.24
N ARG B 174 3.30 -11.59 -15.82
CA ARG B 174 2.16 -11.49 -14.87
C ARG B 174 2.67 -10.97 -13.53
N GLU B 175 3.86 -11.42 -13.09
CA GLU B 175 4.41 -11.01 -11.78
C GLU B 175 4.81 -9.53 -11.82
N PHE B 176 5.47 -9.06 -12.85
CA PHE B 176 5.82 -7.63 -12.96
C PHE B 176 4.53 -6.81 -13.03
N SER B 177 3.55 -7.20 -13.83
CA SER B 177 2.22 -6.53 -13.88
C SER B 177 1.65 -6.43 -12.47
N ARG B 178 1.77 -7.50 -11.69
CA ARG B 178 1.17 -7.52 -10.34
C ARG B 178 1.74 -6.38 -9.49
N THR B 179 3.06 -6.26 -9.43
CA THR B 179 3.69 -5.23 -8.57
C THR B 179 3.49 -3.85 -9.20
N LEU B 180 3.46 -3.72 -10.52
CA LEU B 180 3.12 -2.38 -11.10
C LEU B 180 1.71 -1.94 -10.70
N PHE B 181 0.74 -2.87 -10.74
N PHE B 181 0.76 -2.85 -10.74
CA PHE B 181 -0.67 -2.57 -10.42
CA PHE B 181 -0.64 -2.49 -10.44
C PHE B 181 -0.78 -2.14 -8.95
C PHE B 181 -0.82 -2.20 -8.95
N ASN B 182 0.14 -2.60 -8.10
CA ASN B 182 0.07 -2.34 -6.64
C ASN B 182 0.56 -0.91 -6.39
N MET B 183 1.30 -0.30 -7.32
CA MET B 183 1.74 1.12 -7.15
C MET B 183 0.59 2.10 -7.41
N ARG B 184 0.48 3.18 -6.61
CA ARG B 184 -0.56 4.20 -6.83
C ARG B 184 -0.21 4.94 -8.11
N PRO B 185 -1.15 5.12 -9.06
CA PRO B 185 -0.82 5.61 -10.40
C PRO B 185 -0.12 6.96 -10.43
N ASP B 186 -0.47 7.85 -9.50
CA ASP B 186 0.17 9.19 -9.49
C ASP B 186 1.63 9.02 -9.05
N ILE B 187 1.92 8.10 -8.12
CA ILE B 187 3.33 7.80 -7.69
C ILE B 187 4.06 7.21 -8.88
N THR B 188 3.48 6.25 -9.60
CA THR B 188 4.15 5.65 -10.76
C THR B 188 4.49 6.72 -11.78
N LEU B 189 3.57 7.64 -12.07
CA LEU B 189 3.81 8.69 -13.09
C LEU B 189 4.94 9.62 -12.61
N PHE B 190 4.91 10.01 -11.36
CA PHE B 190 5.88 10.97 -10.78
C PHE B 190 7.28 10.34 -10.79
N VAL B 191 7.37 9.07 -10.40
CA VAL B 191 8.68 8.37 -10.36
C VAL B 191 9.15 8.21 -11.80
N SER B 192 8.26 7.84 -12.71
CA SER B 192 8.59 7.68 -14.15
C SER B 192 9.19 8.99 -14.70
N ARG B 193 8.59 10.12 -14.39
CA ARG B 193 9.15 11.45 -14.79
C ARG B 193 10.54 11.64 -14.18
N THR B 194 10.70 11.31 -12.90
CA THR B 194 11.99 11.42 -12.20
C THR B 194 13.06 10.64 -12.97
N VAL B 195 12.75 9.39 -13.33
CA VAL B 195 13.72 8.49 -13.99
C VAL B 195 14.03 9.01 -15.39
N PHE B 196 13.03 9.44 -16.16
CA PHE B 196 13.23 9.94 -17.54
C PHE B 196 13.95 11.29 -17.54
N ASN B 197 13.81 12.07 -16.45
CA ASN B 197 14.49 13.38 -16.33
C ASN B 197 15.95 13.21 -15.88
N SER B 198 16.31 12.04 -15.35
CA SER B 198 17.63 11.80 -14.75
C SER B 198 18.70 12.00 -15.83
N ASP B 199 19.87 12.47 -15.41
CA ASP B 199 21.06 12.43 -16.28
C ASP B 199 22.25 12.25 -15.36
N MET B 200 22.69 11.01 -15.21
CA MET B 200 23.78 10.64 -14.29
C MET B 200 25.12 10.66 -15.04
N ARG B 201 25.16 11.07 -16.32
CA ARG B 201 26.41 10.94 -17.14
C ARG B 201 27.52 11.75 -16.47
N GLY B 202 27.17 12.92 -15.92
CA GLY B 202 28.17 13.86 -15.42
C GLY B 202 28.91 13.35 -14.19
N VAL B 203 28.35 12.40 -13.44
CA VAL B 203 28.92 11.94 -12.14
C VAL B 203 29.57 10.57 -12.29
N LEU B 204 29.45 9.90 -13.44
CA LEU B 204 29.96 8.50 -13.49
C LEU B 204 31.48 8.45 -13.20
N GLY B 205 32.21 9.46 -13.66
CA GLY B 205 33.67 9.45 -13.47
C GLY B 205 34.07 9.58 -12.02
N LEU B 206 33.18 10.01 -11.10
CA LEU B 206 33.51 10.20 -9.68
C LEU B 206 33.50 8.87 -8.91
N VAL B 207 32.89 7.84 -9.48
CA VAL B 207 32.85 6.48 -8.88
C VAL B 207 34.26 5.89 -8.95
N LYS B 208 34.73 5.31 -7.86
CA LYS B 208 36.09 4.72 -7.81
C LYS B 208 36.04 3.25 -7.43
N VAL B 209 34.89 2.73 -7.00
CA VAL B 209 34.78 1.28 -6.70
C VAL B 209 34.55 0.54 -8.02
N PRO B 210 34.95 -0.74 -8.08
CA PRO B 210 34.72 -1.53 -9.29
C PRO B 210 33.22 -1.76 -9.50
N CYS B 211 32.79 -1.67 -10.76
CA CYS B 211 31.40 -1.91 -11.19
C CYS B 211 31.33 -3.10 -12.16
N HIS B 212 30.44 -4.06 -11.86
CA HIS B 212 30.00 -5.14 -12.74
C HIS B 212 28.71 -4.73 -13.39
N ILE B 213 28.70 -4.54 -14.70
CA ILE B 213 27.54 -4.02 -15.45
C ILE B 213 26.84 -5.23 -16.09
N PHE B 214 25.72 -5.65 -15.55
CA PHE B 214 24.97 -6.80 -16.06
C PHE B 214 24.02 -6.31 -17.12
N GLN B 215 24.19 -6.79 -18.35
CA GLN B 215 23.40 -6.29 -19.50
C GLN B 215 22.76 -7.49 -20.18
N THR B 216 21.44 -7.43 -20.29
CA THR B 216 20.67 -8.48 -20.96
C THR B 216 20.70 -8.22 -22.46
N ALA B 217 20.23 -9.17 -23.25
CA ALA B 217 19.92 -8.97 -24.68
C ALA B 217 18.55 -8.31 -24.80
N ARG B 218 18.37 -7.46 -25.78
CA ARG B 218 17.09 -6.84 -26.18
C ARG B 218 16.41 -6.32 -24.91
N ASP B 219 17.10 -5.46 -24.19
CA ASP B 219 16.51 -4.76 -23.04
C ASP B 219 15.81 -3.52 -23.62
N HIS B 220 14.47 -3.45 -23.57
CA HIS B 220 13.72 -2.36 -24.24
C HIS B 220 14.14 -1.01 -23.65
N SER B 221 14.62 -0.98 -22.40
CA SER B 221 14.91 0.31 -21.72
C SER B 221 16.42 0.62 -21.68
N VAL B 222 17.28 -0.31 -22.11
CA VAL B 222 18.76 -0.15 -22.01
C VAL B 222 19.43 -0.71 -23.24
N PRO B 223 19.69 0.13 -24.26
CA PRO B 223 20.45 -0.31 -25.43
C PRO B 223 21.82 -0.85 -25.01
N ALA B 224 22.35 -1.81 -25.77
CA ALA B 224 23.68 -2.40 -25.51
C ALA B 224 24.71 -1.27 -25.43
N SER B 225 24.56 -0.25 -26.24
CA SER B 225 25.52 0.87 -26.28
C SER B 225 25.57 1.58 -24.92
N VAL B 226 24.50 1.53 -24.15
CA VAL B 226 24.49 2.19 -22.80
C VAL B 226 25.37 1.39 -21.84
N ALA B 227 25.32 0.07 -21.88
CA ALA B 227 26.21 -0.75 -21.03
C ALA B 227 27.66 -0.42 -21.37
N THR B 228 27.98 -0.31 -22.66
CA THR B 228 29.33 0.11 -23.11
C THR B 228 29.66 1.51 -22.59
N TYR B 229 28.71 2.43 -22.67
CA TYR B 229 28.90 3.82 -22.16
C TYR B 229 29.28 3.73 -20.69
N LEU B 230 28.55 2.96 -19.88
CA LEU B 230 28.88 2.83 -18.43
C LEU B 230 30.29 2.26 -18.26
N LYS B 231 30.65 1.26 -19.07
CA LYS B 231 31.98 0.62 -18.94
C LYS B 231 33.06 1.68 -19.20
N ASN B 232 32.81 2.57 -20.14
CA ASN B 232 33.81 3.57 -20.60
C ASN B 232 33.85 4.78 -19.65
N HIS B 233 32.75 5.09 -18.91
CA HIS B 233 32.64 6.38 -18.17
C HIS B 233 32.65 6.21 -16.64
N LEU B 234 32.24 5.07 -16.08
CA LEU B 234 32.39 4.86 -14.61
C LEU B 234 33.88 4.90 -14.24
N GLY B 235 34.22 5.59 -13.14
CA GLY B 235 35.60 5.98 -12.83
C GLY B 235 36.49 4.81 -12.43
N GLY B 236 35.91 3.74 -11.89
CA GLY B 236 36.66 2.58 -11.37
C GLY B 236 36.84 1.50 -12.42
N LYS B 237 37.26 0.33 -12.00
CA LYS B 237 37.48 -0.79 -12.94
C LYS B 237 36.13 -1.39 -13.26
N ASN B 238 35.77 -1.44 -14.55
CA ASN B 238 34.41 -1.90 -14.96
C ASN B 238 34.49 -3.17 -15.80
N THR B 239 33.55 -4.06 -15.57
CA THR B 239 33.41 -5.35 -16.29
C THR B 239 31.96 -5.45 -16.79
N VAL B 240 31.72 -5.67 -18.07
CA VAL B 240 30.34 -5.95 -18.57
C VAL B 240 30.14 -7.45 -18.59
N HIS B 241 29.00 -7.88 -18.06
CA HIS B 241 28.55 -9.28 -18.12
C HIS B 241 27.38 -9.29 -19.09
N TRP B 242 27.59 -9.81 -20.31
CA TRP B 242 26.56 -9.92 -21.35
C TRP B 242 25.78 -11.20 -21.07
N LEU B 243 24.66 -11.05 -20.36
CA LEU B 243 23.86 -12.20 -19.89
C LEU B 243 23.20 -12.84 -21.09
N ASN B 244 23.13 -14.17 -21.10
CA ASN B 244 22.32 -14.90 -22.11
C ASN B 244 20.89 -14.97 -21.57
N ILE B 245 20.31 -13.79 -21.36
CA ILE B 245 18.94 -13.58 -20.81
C ILE B 245 18.40 -12.38 -21.59
N GLU B 246 17.16 -12.46 -22.07
CA GLU B 246 16.51 -11.36 -22.80
C GLU B 246 15.62 -10.60 -21.81
N GLY B 247 15.53 -9.29 -21.97
CA GLY B 247 14.55 -8.48 -21.22
C GLY B 247 15.16 -7.75 -20.04
N HIS B 248 14.40 -6.87 -19.45
CA HIS B 248 14.92 -5.88 -18.49
C HIS B 248 14.96 -6.46 -17.07
N LEU B 249 14.29 -7.58 -16.80
CA LEU B 249 14.12 -8.02 -15.41
C LEU B 249 14.60 -9.46 -15.27
N PRO B 250 15.91 -9.71 -15.47
CA PRO B 250 16.41 -11.07 -15.41
C PRO B 250 16.27 -11.77 -14.06
N HIS B 251 16.17 -11.03 -12.94
CA HIS B 251 15.93 -11.63 -11.62
C HIS B 251 14.52 -12.23 -11.59
N LEU B 252 13.56 -11.70 -12.36
CA LEU B 252 12.20 -12.26 -12.44
C LEU B 252 12.12 -13.39 -13.47
N SER B 253 12.80 -13.26 -14.61
CA SER B 253 12.54 -14.13 -15.77
C SER B 253 13.54 -15.29 -15.81
N ALA B 254 14.75 -15.09 -15.29
CA ALA B 254 15.83 -16.11 -15.34
C ALA B 254 16.64 -16.12 -14.06
N PRO B 255 16.03 -16.40 -12.89
CA PRO B 255 16.74 -16.23 -11.62
C PRO B 255 17.93 -17.18 -11.48
N THR B 256 17.79 -18.47 -11.83
CA THR B 256 18.91 -19.42 -11.64
C THR B 256 20.13 -18.91 -12.43
N LEU B 257 19.93 -18.58 -13.70
CA LEU B 257 21.04 -18.09 -14.55
C LEU B 257 21.59 -16.78 -13.96
N LEU B 258 20.71 -15.86 -13.55
CA LEU B 258 21.22 -14.57 -13.02
C LEU B 258 22.05 -14.85 -11.75
N ALA B 259 21.60 -15.78 -10.90
CA ALA B 259 22.28 -16.02 -9.60
C ALA B 259 23.71 -16.51 -9.89
N GLN B 260 23.90 -17.36 -10.91
CA GLN B 260 25.26 -17.88 -11.22
C GLN B 260 26.15 -16.72 -11.64
N GLU B 261 25.66 -15.77 -12.45
CA GLU B 261 26.49 -14.64 -12.92
C GLU B 261 26.80 -13.73 -11.74
N LEU B 262 25.84 -13.50 -10.83
CA LEU B 262 26.10 -12.72 -9.60
CA LEU B 262 26.10 -12.71 -9.61
C LEU B 262 27.22 -13.37 -8.79
N ARG B 263 27.19 -14.70 -8.66
CA ARG B 263 28.26 -15.41 -7.92
C ARG B 263 29.61 -15.15 -8.55
N ARG B 264 29.67 -15.19 -9.88
CA ARG B 264 30.93 -14.98 -10.64
C ARG B 264 31.42 -13.57 -10.32
N ALA B 265 30.51 -12.60 -10.40
CA ALA B 265 30.87 -11.19 -10.19
C ALA B 265 31.37 -11.02 -8.75
N LEU B 266 30.69 -11.60 -7.77
CA LEU B 266 31.04 -11.42 -6.34
C LEU B 266 32.38 -12.09 -6.00
N SER B 267 32.79 -13.13 -6.75
CA SER B 267 34.08 -13.87 -6.57
C SER B 267 35.27 -13.06 -7.11
N HIS B 268 35.03 -12.12 -8.03
CA HIS B 268 36.09 -11.39 -8.76
C HIS B 268 36.82 -10.43 -7.80
O1 PG4 C . -25.10 4.19 -6.31
C1 PG4 C . -24.43 3.21 -5.53
C2 PG4 C . -24.13 1.96 -6.30
O2 PG4 C . -23.11 1.21 -5.64
C3 PG4 C . -21.79 1.68 -5.88
C4 PG4 C . -20.79 0.91 -5.09
O3 PG4 C . -20.45 1.61 -3.89
C5 PG4 C . -19.78 0.78 -2.96
C6 PG4 C . -19.65 1.44 -1.63
O4 PG4 C . -20.94 1.63 -1.06
C7 PG4 C . -20.97 1.44 0.35
C8 PG4 C . -22.10 2.20 0.95
O5 PG4 C . -23.28 2.13 0.17
#